data_2ESS
#
_entry.id   2ESS
#
_cell.length_a   91.150
_cell.length_b   91.150
_cell.length_c   64.770
_cell.angle_alpha   90.000
_cell.angle_beta   90.000
_cell.angle_gamma   120.000
#
_symmetry.space_group_name_H-M   'P 31 2 1'
#
loop_
_entity.id
_entity.type
_entity.pdbx_description
1 polymer 'acyl-ACP thioesterase'
2 non-polymer 'CALCIUM ION'
3 non-polymer 'CHLORIDE ION'
4 non-polymer (4S)-2-METHYL-2,4-PENTANEDIOL
5 water water
#
_entity_poly.entity_id   1
_entity_poly.type   'polypeptide(L)'
_entity_poly.pdbx_seq_one_letter_code
;G(MSE)SEENKIGTYQFVAEPFHVDFNGRLT(MSE)GVLGNHLLNCAGFHASDRGFGIATLNEDNYTWVLSRLAIELDE
(MSE)PYQYEKFSVQTWVENVYRLFTDRNFAVIDKDGKKIGYARSVWA(MSE)INLNTRKPADLLALHGGSIVDYICDEP
CPIEKPSRIKVTSNQPVATLTAKYSDIDINGHVNSIRYIEHILDLFPIELYQTKRIRRFE(MSE)AYVAESYFGDELSFF
CDEVSENEFHVEVKKNGSEVVCRSKVIFE
;
_entity_poly.pdbx_strand_id   A
#
# COMPACT_ATOMS: atom_id res chain seq x y z
N SER A 3 17.47 21.81 -1.52
CA SER A 3 17.54 21.40 -0.10
C SER A 3 16.81 20.10 0.11
N GLU A 4 17.04 19.46 1.26
CA GLU A 4 16.34 18.20 1.59
C GLU A 4 14.82 18.40 1.69
N GLU A 5 14.40 19.45 2.40
CA GLU A 5 12.99 19.83 2.43
C GLU A 5 12.38 19.98 1.02
N ASN A 6 13.15 20.49 0.08
CA ASN A 6 12.68 20.75 -1.31
C ASN A 6 12.37 19.48 -2.16
N LYS A 7 12.89 18.34 -1.74
CA LYS A 7 12.65 17.06 -2.42
C LYS A 7 11.37 16.36 -1.95
N ILE A 8 10.73 16.92 -0.93
CA ILE A 8 9.47 16.42 -0.36
C ILE A 8 8.26 17.02 -1.06
N GLY A 9 7.31 16.18 -1.45
CA GLY A 9 6.02 16.62 -1.89
C GLY A 9 5.05 16.57 -0.73
N THR A 10 4.24 17.61 -0.59
CA THR A 10 3.21 17.72 0.46
C THR A 10 1.83 17.95 -0.15
N TYR A 11 0.85 17.15 0.25
CA TYR A 11 -0.46 17.14 -0.38
C TYR A 11 -1.52 17.20 0.68
N GLN A 12 -2.52 18.05 0.46
CA GLN A 12 -3.58 18.36 1.41
C GLN A 12 -4.88 17.62 1.11
N PHE A 13 -5.49 17.07 2.15
CA PHE A 13 -6.74 16.35 2.03
C PHE A 13 -7.73 16.70 3.14
N VAL A 14 -8.98 16.31 2.93
CA VAL A 14 -9.99 16.33 3.99
C VAL A 14 -10.61 14.92 4.05
N ALA A 15 -10.81 14.38 5.26
CA ALA A 15 -11.46 13.08 5.43
C ALA A 15 -12.99 13.13 5.14
N GLU A 16 -13.39 12.59 3.99
CA GLU A 16 -14.79 12.65 3.57
C GLU A 16 -15.62 11.54 4.22
N PRO A 17 -16.95 11.77 4.38
CA PRO A 17 -17.86 10.84 5.06
C PRO A 17 -17.94 9.43 4.47
N PHE A 18 -17.75 9.30 3.18
CA PHE A 18 -17.79 7.96 2.58
C PHE A 18 -16.45 7.27 2.59
N HIS A 19 -15.46 7.93 3.19
CA HIS A 19 -14.11 7.43 3.31
C HIS A 19 -13.71 7.14 4.76
N VAL A 20 -14.67 7.15 5.67
CA VAL A 20 -14.40 6.81 7.07
C VAL A 20 -15.20 5.60 7.52
N ASP A 21 -14.77 4.97 8.60
CA ASP A 21 -15.44 3.80 9.16
C ASP A 21 -16.48 4.17 10.20
N PHE A 22 -17.05 3.14 10.87
CA PHE A 22 -18.11 3.38 11.82
C PHE A 22 -17.66 4.15 13.06
N ASN A 23 -16.36 4.26 13.30
CA ASN A 23 -15.84 5.16 14.36
C ASN A 23 -15.48 6.56 13.83
N GLY A 24 -15.79 6.84 12.57
CA GLY A 24 -15.53 8.15 11.94
C GLY A 24 -14.08 8.39 11.54
N ARG A 25 -13.27 7.34 11.49
CA ARG A 25 -11.85 7.46 11.16
C ARG A 25 -11.62 6.97 9.76
N LEU A 26 -10.70 7.63 9.08
CA LEU A 26 -10.29 7.33 7.71
C LEU A 26 -9.97 5.84 7.60
N THR A 27 -10.42 5.22 6.53
CA THR A 27 -10.22 3.80 6.42
C THR A 27 -8.77 3.58 5.89
N GLY A 29 -7.87 1.51 3.51
CA GLY A 29 -7.97 1.45 2.07
C GLY A 29 -7.88 2.85 1.48
N VAL A 30 -8.59 3.80 2.07
CA VAL A 30 -8.57 5.20 1.56
C VAL A 30 -7.24 5.85 1.80
N LEU A 31 -6.63 5.58 2.96
CA LEU A 31 -5.29 6.09 3.25
C LEU A 31 -4.28 5.55 2.24
N GLY A 32 -4.28 4.24 2.01
CA GLY A 32 -3.47 3.61 0.95
C GLY A 32 -3.67 4.29 -0.40
N ASN A 33 -4.92 4.53 -0.78
CA ASN A 33 -5.27 5.28 -2.02
C ASN A 33 -4.56 6.64 -2.05
N HIS A 34 -4.66 7.40 -0.98
CA HIS A 34 -3.98 8.71 -0.91
C HIS A 34 -2.45 8.58 -1.05
N LEU A 35 -1.85 7.66 -0.31
CA LEU A 35 -0.38 7.44 -0.37
C LEU A 35 0.05 7.13 -1.79
N LEU A 36 -0.60 6.17 -2.45
CA LEU A 36 -0.21 5.77 -3.80
C LEU A 36 -0.44 6.88 -4.83
N ASN A 37 -1.54 7.61 -4.71
CA ASN A 37 -1.77 8.77 -5.58
C ASN A 37 -0.70 9.84 -5.36
N CYS A 38 -0.28 10.03 -4.10
CA CYS A 38 0.74 11.06 -3.79
C CYS A 38 2.13 10.72 -4.38
N ALA A 39 2.45 9.44 -4.34
CA ALA A 39 3.63 8.90 -4.92
C ALA A 39 3.67 9.23 -6.42
N GLY A 40 2.53 8.99 -7.07
CA GLY A 40 2.31 9.33 -8.44
C GLY A 40 2.39 10.82 -8.74
N PHE A 41 1.79 11.68 -7.91
CA PHE A 41 1.89 13.14 -8.13
C PHE A 41 3.36 13.57 -8.09
N HIS A 42 4.06 13.03 -7.12
CA HIS A 42 5.42 13.45 -6.78
C HIS A 42 6.35 13.03 -7.92
N ALA A 43 6.26 11.77 -8.34
CA ALA A 43 7.06 11.23 -9.44
C ALA A 43 6.75 11.93 -10.76
N SER A 44 5.47 12.13 -11.06
CA SER A 44 5.08 12.68 -12.36
CA SER A 44 5.07 12.68 -12.34
C SER A 44 5.50 14.12 -12.48
N ASP A 45 5.33 14.88 -11.43
CA ASP A 45 5.74 16.26 -11.46
C ASP A 45 7.23 16.39 -11.67
N ARG A 46 8.02 15.37 -11.31
CA ARG A 46 9.47 15.49 -11.40
C ARG A 46 10.03 14.64 -12.50
N GLY A 47 9.17 14.03 -13.29
CA GLY A 47 9.61 13.32 -14.52
C GLY A 47 10.22 11.96 -14.30
N PHE A 48 9.79 11.23 -13.27
CA PHE A 48 10.23 9.86 -13.10
C PHE A 48 9.09 8.90 -12.77
N GLY A 49 7.90 9.31 -13.14
CA GLY A 49 6.72 8.51 -13.00
C GLY A 49 6.49 7.51 -14.12
N ILE A 50 5.35 6.83 -14.05
CA ILE A 50 5.03 5.78 -14.99
C ILE A 50 5.08 6.29 -16.45
N ALA A 51 4.49 7.45 -16.72
CA ALA A 51 4.46 8.03 -18.08
C ALA A 51 5.85 8.11 -18.72
N THR A 52 6.81 8.66 -17.98
CA THR A 52 8.18 8.80 -18.45
C THR A 52 8.81 7.45 -18.65
N LEU A 53 8.72 6.59 -17.64
CA LEU A 53 9.27 5.22 -17.77
C LEU A 53 8.73 4.48 -19.01
N ASN A 54 7.43 4.60 -19.23
CA ASN A 54 6.74 3.87 -20.32
C ASN A 54 7.27 4.24 -21.71
N GLU A 55 7.71 5.50 -21.87
CA GLU A 55 8.31 5.92 -23.13
C GLU A 55 9.57 5.15 -23.47
N ASP A 56 10.24 4.61 -22.46
CA ASP A 56 11.43 3.76 -22.71
C ASP A 56 11.23 2.28 -22.44
N ASN A 57 9.98 1.90 -22.30
CA ASN A 57 9.54 0.50 -22.17
C ASN A 57 9.73 -0.12 -20.80
N TYR A 58 9.73 0.74 -19.78
CA TYR A 58 9.73 0.29 -18.40
C TYR A 58 8.46 0.72 -17.72
N THR A 59 8.19 0.11 -16.56
CA THR A 59 7.14 0.64 -15.69
C THR A 59 7.51 0.37 -14.22
N TRP A 60 6.75 0.98 -13.33
CA TRP A 60 6.88 0.77 -11.89
C TRP A 60 5.84 -0.21 -11.42
N VAL A 61 6.23 -1.11 -10.51
CA VAL A 61 5.27 -2.01 -9.87
CA VAL A 61 5.32 -2.07 -9.88
C VAL A 61 5.48 -1.96 -8.36
N LEU A 62 4.37 -1.84 -7.64
CA LEU A 62 4.37 -1.79 -6.19
C LEU A 62 4.53 -3.20 -5.68
N SER A 63 5.55 -3.39 -4.84
CA SER A 63 5.89 -4.70 -4.29
C SER A 63 5.45 -4.82 -2.82
N ARG A 64 5.77 -3.81 -2.02
CA ARG A 64 5.51 -3.83 -0.59
C ARG A 64 5.02 -2.45 -0.10
N LEU A 65 4.14 -2.47 0.89
CA LEU A 65 3.62 -1.25 1.54
C LEU A 65 3.49 -1.53 3.04
N ALA A 66 4.10 -0.69 3.89
CA ALA A 66 3.87 -0.75 5.36
C ALA A 66 3.43 0.63 5.81
N ILE A 67 2.37 0.65 6.61
CA ILE A 67 1.76 1.84 7.21
C ILE A 67 1.75 1.66 8.73
N GLU A 68 2.26 2.65 9.44
CA GLU A 68 2.23 2.59 10.91
C GLU A 68 1.68 3.91 11.46
N LEU A 69 0.68 3.80 12.31
CA LEU A 69 -0.14 4.96 12.75
C LEU A 69 -0.28 5.03 14.25
N ASP A 70 -0.19 6.26 14.80
CA ASP A 70 -0.62 6.54 16.17
C ASP A 70 -2.13 6.83 16.20
N GLU A 71 -2.62 7.47 15.17
CA GLU A 71 -4.06 7.71 15.01
C GLU A 71 -4.33 7.96 13.54
N PRO A 73 -6.89 10.19 10.72
CA PRO A 73 -7.75 11.38 10.67
C PRO A 73 -9.25 11.10 10.89
N TYR A 74 -9.94 12.05 11.49
CA TYR A 74 -11.38 11.96 11.74
C TYR A 74 -12.22 12.64 10.64
N GLN A 75 -13.45 12.17 10.49
CA GLN A 75 -14.37 12.69 9.50
C GLN A 75 -14.35 14.22 9.48
N TYR A 76 -14.22 14.77 8.27
CA TYR A 76 -14.14 16.23 8.02
C TYR A 76 -12.88 16.98 8.48
N GLU A 77 -11.90 16.29 9.06
CA GLU A 77 -10.65 16.93 9.41
C GLU A 77 -9.74 17.03 8.21
N LYS A 78 -8.99 18.10 8.16
CA LYS A 78 -7.89 18.22 7.24
C LYS A 78 -6.77 17.32 7.70
N PHE A 79 -6.02 16.85 6.73
CA PHE A 79 -4.80 16.13 6.94
C PHE A 79 -3.91 16.29 5.75
N SER A 80 -2.66 15.91 5.89
CA SER A 80 -1.76 15.97 4.73
C SER A 80 -0.81 14.79 4.70
N VAL A 81 -0.27 14.57 3.50
CA VAL A 81 0.67 13.52 3.24
C VAL A 81 1.94 14.16 2.68
N GLN A 82 3.07 13.76 3.24
CA GLN A 82 4.38 14.11 2.67
C GLN A 82 4.98 12.83 2.13
N THR A 83 5.71 12.93 1.03
CA THR A 83 6.34 11.78 0.42
C THR A 83 7.66 12.19 -0.23
N TRP A 84 8.58 11.24 -0.29
CA TRP A 84 9.91 11.48 -0.79
C TRP A 84 10.53 10.12 -1.10
N VAL A 85 11.54 10.15 -1.96
CA VAL A 85 12.35 9.01 -2.30
C VAL A 85 13.49 8.88 -1.32
N GLU A 86 13.56 7.73 -0.64
CA GLU A 86 14.63 7.46 0.31
C GLU A 86 15.85 6.83 -0.34
N ASN A 87 15.61 5.84 -1.21
CA ASN A 87 16.69 5.14 -1.92
C ASN A 87 16.29 4.73 -3.30
N VAL A 88 17.25 4.71 -4.20
CA VAL A 88 17.07 4.16 -5.52
C VAL A 88 18.16 3.10 -5.62
N TYR A 89 17.74 1.85 -5.47
CA TYR A 89 18.61 0.70 -5.59
C TYR A 89 18.59 0.15 -6.99
N ARG A 90 19.45 -0.82 -7.29
CA ARG A 90 19.49 -1.39 -8.65
C ARG A 90 18.18 -1.99 -9.09
N LEU A 91 17.51 -2.68 -8.18
CA LEU A 91 16.26 -3.39 -8.53
C LEU A 91 14.98 -2.78 -7.95
N PHE A 92 15.11 -1.92 -6.95
CA PHE A 92 13.95 -1.35 -6.27
C PHE A 92 14.16 0.10 -5.86
N THR A 93 13.06 0.84 -5.73
CA THR A 93 13.06 2.17 -5.15
C THR A 93 12.21 2.18 -3.90
N ASP A 94 12.76 2.76 -2.84
CA ASP A 94 12.05 2.91 -1.56
C ASP A 94 11.50 4.34 -1.49
N ARG A 95 10.19 4.46 -1.44
CA ARG A 95 9.49 5.71 -1.28
C ARG A 95 8.79 5.71 0.08
N ASN A 96 9.01 6.78 0.84
CA ASN A 96 8.50 6.90 2.21
C ASN A 96 7.50 8.00 2.30
N PHE A 97 6.73 7.95 3.38
CA PHE A 97 5.60 8.86 3.61
C PHE A 97 5.50 9.25 5.08
N ALA A 98 4.99 10.46 5.32
CA ALA A 98 4.56 10.89 6.65
C ALA A 98 3.11 11.35 6.51
N VAL A 99 2.30 11.08 7.51
CA VAL A 99 0.92 11.58 7.56
C VAL A 99 0.83 12.59 8.68
N ILE A 100 0.23 13.75 8.39
CA ILE A 100 0.23 14.88 9.29
C ILE A 100 -1.21 15.26 9.57
N ASP A 101 -1.53 15.40 10.84
CA ASP A 101 -2.93 15.67 11.24
C ASP A 101 -3.29 17.15 11.11
N LYS A 102 -4.50 17.54 11.51
CA LYS A 102 -4.95 18.92 11.26
C LYS A 102 -4.08 19.95 12.02
N ASP A 103 -3.52 19.53 13.15
CA ASP A 103 -2.67 20.36 14.00
C ASP A 103 -1.20 20.42 13.59
N GLY A 104 -0.83 19.66 12.56
CA GLY A 104 0.55 19.61 12.09
C GLY A 104 1.39 18.58 12.80
N LYS A 105 0.76 17.74 13.61
CA LYS A 105 1.45 16.66 14.30
C LYS A 105 1.59 15.44 13.38
N LYS A 106 2.79 14.85 13.31
CA LYS A 106 2.96 13.60 12.60
C LYS A 106 2.22 12.49 13.34
N ILE A 107 1.26 11.87 12.66
CA ILE A 107 0.44 10.83 13.25
C ILE A 107 0.70 9.43 12.65
N GLY A 108 1.47 9.39 11.58
CA GLY A 108 1.87 8.10 11.02
C GLY A 108 2.94 8.21 9.94
N TYR A 109 3.45 7.04 9.56
CA TYR A 109 4.45 6.93 8.53
C TYR A 109 4.13 5.73 7.64
N ALA A 110 4.65 5.75 6.42
CA ALA A 110 4.55 4.62 5.53
C ALA A 110 5.85 4.44 4.74
N ARG A 111 6.12 3.17 4.40
CA ARG A 111 7.24 2.78 3.55
C ARG A 111 6.67 1.95 2.40
N SER A 112 7.12 2.24 1.18
CA SER A 112 6.70 1.51 -0.03
C SER A 112 7.94 1.10 -0.81
N VAL A 113 7.86 -0.04 -1.47
CA VAL A 113 8.99 -0.62 -2.22
C VAL A 113 8.44 -0.93 -3.61
N TRP A 114 9.10 -0.39 -4.61
CA TRP A 114 8.63 -0.43 -6.00
C TRP A 114 9.70 -1.07 -6.85
N ALA A 115 9.30 -1.99 -7.74
CA ALA A 115 10.25 -2.55 -8.72
C ALA A 115 10.09 -1.78 -10.04
N ILE A 117 10.30 -2.68 -14.04
CA ILE A 117 10.37 -3.85 -14.92
C ILE A 117 10.29 -3.42 -16.38
N ASN A 118 11.01 -4.15 -17.23
CA ASN A 118 10.90 -4.01 -18.67
C ASN A 118 9.55 -4.53 -19.11
N LEU A 119 8.84 -3.76 -19.94
CA LEU A 119 7.49 -4.16 -20.36
C LEU A 119 7.43 -5.25 -21.46
N ASN A 120 8.50 -5.48 -22.19
CA ASN A 120 8.50 -6.52 -23.19
C ASN A 120 8.66 -7.89 -22.55
N THR A 121 9.63 -7.99 -21.66
CA THR A 121 10.12 -9.26 -21.18
C THR A 121 9.52 -9.61 -19.83
N ARG A 122 8.80 -8.63 -19.25
CA ARG A 122 8.45 -8.55 -17.81
C ARG A 122 9.60 -8.81 -16.84
N LYS A 123 10.82 -8.54 -17.29
CA LYS A 123 11.98 -8.73 -16.47
C LYS A 123 12.20 -7.53 -15.60
N PRO A 124 12.74 -7.76 -14.38
CA PRO A 124 13.26 -6.61 -13.63
C PRO A 124 14.43 -5.83 -14.32
N ALA A 125 14.31 -4.51 -14.25
CA ALA A 125 15.36 -3.47 -14.30
C ALA A 125 16.66 -3.73 -14.97
N LEU A 130 18.39 3.41 -12.99
CA LEU A 130 19.50 4.23 -13.50
C LEU A 130 19.21 5.69 -14.03
N HIS A 131 20.30 6.32 -14.49
CA HIS A 131 20.66 7.72 -14.13
C HIS A 131 20.48 8.82 -15.17
N GLY A 132 20.12 8.43 -16.39
CA GLY A 132 19.76 9.41 -17.42
C GLY A 132 18.51 10.17 -16.99
N GLY A 133 17.78 9.60 -16.04
CA GLY A 133 16.60 10.21 -15.48
C GLY A 133 16.85 11.20 -14.35
N SER A 134 15.76 11.63 -13.76
CA SER A 134 15.79 12.63 -12.74
C SER A 134 15.67 12.05 -11.32
N ILE A 135 15.36 10.76 -11.19
CA ILE A 135 14.97 10.26 -9.85
C ILE A 135 16.08 10.42 -8.80
N VAL A 136 17.33 10.21 -9.21
CA VAL A 136 18.45 10.20 -8.29
C VAL A 136 18.63 11.56 -7.65
N ASP A 137 18.26 12.62 -8.38
CA ASP A 137 18.32 13.98 -7.89
C ASP A 137 17.41 14.25 -6.70
N TYR A 138 16.44 13.36 -6.45
CA TYR A 138 15.43 13.57 -5.42
C TYR A 138 15.57 12.64 -4.20
N ILE A 139 16.66 11.87 -4.16
CA ILE A 139 16.95 11.05 -2.96
C ILE A 139 17.10 11.98 -1.74
N CYS A 140 16.38 11.64 -0.67
CA CYS A 140 16.13 12.55 0.38
C CYS A 140 16.28 11.79 1.71
N ASP A 141 16.89 12.47 2.68
CA ASP A 141 17.22 11.90 3.98
C ASP A 141 16.16 12.14 5.08
N GLU A 142 14.97 12.59 4.71
CA GLU A 142 13.90 12.83 5.70
C GLU A 142 13.64 11.55 6.53
N PRO A 143 13.49 11.68 7.86
CA PRO A 143 13.31 10.44 8.64
C PRO A 143 11.94 9.78 8.50
N CYS A 144 11.95 8.47 8.61
CA CYS A 144 10.73 7.66 8.56
C CYS A 144 10.96 6.52 9.55
N PRO A 145 10.75 6.79 10.85
CA PRO A 145 11.22 5.90 11.90
C PRO A 145 10.29 4.72 12.14
N ILE A 146 10.08 3.91 11.11
CA ILE A 146 9.31 2.67 11.24
C ILE A 146 10.10 1.55 10.55
N GLU A 147 9.87 0.33 10.97
CA GLU A 147 10.51 -0.86 10.47
C GLU A 147 10.15 -1.06 9.00
N LYS A 148 11.13 -1.46 8.21
CA LYS A 148 10.93 -1.77 6.82
C LYS A 148 10.02 -2.98 6.68
N PRO A 149 9.17 -3.00 5.65
CA PRO A 149 8.39 -4.22 5.46
C PRO A 149 9.29 -5.35 4.93
N SER A 150 9.01 -6.58 5.30
CA SER A 150 9.77 -7.72 4.77
C SER A 150 8.82 -8.89 4.54
N ARG A 151 9.35 -10.00 4.05
CA ARG A 151 8.55 -11.18 3.72
CA ARG A 151 8.54 -11.16 3.74
C ARG A 151 7.65 -11.60 4.88
N ILE A 152 6.42 -11.92 4.55
CA ILE A 152 5.40 -12.31 5.52
C ILE A 152 5.19 -13.82 5.43
N LYS A 153 5.25 -14.52 6.55
CA LYS A 153 5.04 -15.97 6.54
C LYS A 153 3.59 -16.31 6.97
N VAL A 154 2.92 -17.17 6.23
CA VAL A 154 1.57 -17.66 6.58
C VAL A 154 1.53 -19.19 6.53
N THR A 155 1.29 -19.82 7.66
CA THR A 155 1.36 -21.29 7.75
C THR A 155 0.02 -21.99 7.45
N SER A 156 -1.09 -21.37 7.83
CA SER A 156 -2.42 -22.00 7.66
C SER A 156 -2.73 -22.35 6.20
N ASN A 157 -3.30 -23.53 5.98
CA ASN A 157 -3.78 -23.90 4.64
CA ASN A 157 -3.77 -23.91 4.63
C ASN A 157 -5.28 -24.23 4.63
N GLN A 158 -5.99 -23.71 5.63
CA GLN A 158 -7.44 -23.77 5.69
C GLN A 158 -8.02 -22.37 5.46
N PRO A 159 -8.79 -22.20 4.37
CA PRO A 159 -9.32 -20.86 4.12
C PRO A 159 -10.44 -20.50 5.07
N VAL A 160 -10.47 -19.22 5.43
CA VAL A 160 -11.43 -18.65 6.37
C VAL A 160 -12.53 -17.93 5.62
N ALA A 161 -12.29 -17.58 4.37
CA ALA A 161 -13.30 -16.90 3.57
C ALA A 161 -12.95 -17.03 2.08
N THR A 162 -13.96 -16.86 1.23
CA THR A 162 -13.81 -16.86 -0.22
CA THR A 162 -13.82 -16.89 -0.22
C THR A 162 -14.64 -15.76 -0.84
N LEU A 163 -14.17 -15.24 -1.97
CA LEU A 163 -14.79 -14.09 -2.61
C LEU A 163 -14.45 -14.15 -4.08
N THR A 164 -15.41 -13.91 -4.95
CA THR A 164 -15.13 -13.77 -6.39
C THR A 164 -14.80 -12.31 -6.76
N ALA A 165 -13.74 -12.10 -7.55
CA ALA A 165 -13.42 -10.77 -8.09
C ALA A 165 -14.53 -10.21 -8.99
N LYS A 166 -14.96 -8.99 -8.72
CA LYS A 166 -16.13 -8.41 -9.41
C LYS A 166 -15.78 -7.15 -10.16
N TYR A 167 -16.73 -6.63 -10.94
CA TYR A 167 -16.53 -5.38 -11.66
C TYR A 167 -15.94 -4.26 -10.80
N SER A 168 -16.42 -4.09 -9.57
CA SER A 168 -15.89 -3.01 -8.73
C SER A 168 -14.44 -3.20 -8.28
N ASP A 169 -13.91 -4.40 -8.38
CA ASP A 169 -12.54 -4.68 -7.99
C ASP A 169 -11.48 -4.35 -9.03
N ILE A 170 -11.87 -4.18 -10.29
CA ILE A 170 -10.92 -4.23 -11.40
C ILE A 170 -10.55 -2.87 -11.89
N ASP A 171 -9.25 -2.65 -12.07
CA ASP A 171 -8.69 -1.42 -12.63
C ASP A 171 -8.54 -1.45 -14.16
N ILE A 172 -7.93 -0.40 -14.69
CA ILE A 172 -7.77 -0.23 -16.13
C ILE A 172 -6.95 -1.33 -16.79
N ASN A 173 -6.07 -1.99 -16.03
CA ASN A 173 -5.25 -3.07 -16.59
C ASN A 173 -5.92 -4.40 -16.45
N GLY A 174 -7.15 -4.43 -15.95
CA GLY A 174 -7.89 -5.67 -15.89
C GLY A 174 -7.54 -6.49 -14.68
N HIS A 175 -6.87 -5.91 -13.70
CA HIS A 175 -6.64 -6.72 -12.50
CA HIS A 175 -6.46 -6.61 -12.47
C HIS A 175 -7.24 -6.07 -11.26
N VAL A 176 -7.39 -6.91 -10.24
CA VAL A 176 -7.85 -6.47 -8.97
C VAL A 176 -6.87 -5.46 -8.43
N ASN A 177 -7.37 -4.29 -8.05
CA ASN A 177 -6.48 -3.21 -7.71
C ASN A 177 -5.94 -3.33 -6.28
N SER A 178 -4.80 -2.69 -6.08
CA SER A 178 -4.06 -2.70 -4.82
C SER A 178 -4.90 -2.41 -3.58
N ILE A 179 -5.80 -1.44 -3.72
CA ILE A 179 -6.63 -0.96 -2.62
C ILE A 179 -7.78 -1.90 -2.32
N ARG A 180 -8.32 -2.55 -3.35
CA ARG A 180 -9.40 -3.47 -3.15
C ARG A 180 -8.93 -4.67 -2.35
N TYR A 181 -7.68 -5.12 -2.53
CA TYR A 181 -7.18 -6.17 -1.66
C TYR A 181 -7.17 -5.78 -0.18
N ILE A 182 -6.76 -4.54 0.11
CA ILE A 182 -6.78 -4.00 1.48
C ILE A 182 -8.18 -4.07 2.09
N GLU A 183 -9.17 -3.53 1.38
CA GLU A 183 -10.57 -3.60 1.83
C GLU A 183 -11.04 -5.02 2.12
N HIS A 184 -10.77 -5.95 1.20
CA HIS A 184 -11.23 -7.33 1.44
C HIS A 184 -10.54 -7.99 2.65
N ILE A 185 -9.25 -7.71 2.87
CA ILE A 185 -8.53 -8.29 3.99
C ILE A 185 -9.09 -7.77 5.30
N LEU A 186 -9.29 -6.45 5.35
CA LEU A 186 -9.81 -5.80 6.56
C LEU A 186 -11.23 -6.21 6.85
N ASP A 187 -11.98 -6.66 5.84
CA ASP A 187 -13.33 -7.25 6.10
C ASP A 187 -13.32 -8.63 6.76
N LEU A 188 -12.16 -9.28 6.88
CA LEU A 188 -12.09 -10.55 7.58
C LEU A 188 -12.26 -10.41 9.09
N PHE A 189 -12.00 -9.24 9.67
CA PHE A 189 -11.89 -9.16 11.13
C PHE A 189 -13.20 -8.80 11.80
N PRO A 190 -13.46 -9.40 12.98
CA PRO A 190 -14.70 -9.19 13.68
C PRO A 190 -14.86 -7.75 14.10
N ILE A 191 -16.10 -7.30 14.06
CA ILE A 191 -16.40 -5.92 14.35
C ILE A 191 -16.01 -5.55 15.81
N GLU A 192 -16.07 -6.52 16.74
CA GLU A 192 -15.66 -6.30 18.14
C GLU A 192 -14.20 -5.86 18.23
N LEU A 193 -13.38 -6.28 17.27
CA LEU A 193 -11.97 -5.86 17.21
C LEU A 193 -11.85 -4.37 16.85
N TYR A 194 -12.61 -3.95 15.86
CA TYR A 194 -12.63 -2.57 15.45
C TYR A 194 -13.32 -1.67 16.50
N GLN A 195 -14.22 -2.25 17.29
CA GLN A 195 -14.85 -1.52 18.37
C GLN A 195 -13.94 -1.27 19.55
N THR A 196 -12.98 -2.16 19.79
CA THR A 196 -12.16 -2.08 20.98
C THR A 196 -10.69 -1.77 20.69
N LYS A 197 -10.23 -2.00 19.46
CA LYS A 197 -8.84 -1.75 19.14
C LYS A 197 -8.76 -1.03 17.82
N ARG A 198 -7.57 -0.55 17.52
CA ARG A 198 -7.31 0.04 16.21
C ARG A 198 -6.10 -0.63 15.62
N ILE A 199 -5.98 -0.54 14.30
CA ILE A 199 -4.85 -1.07 13.60
C ILE A 199 -3.70 -0.08 13.76
N ARG A 200 -2.61 -0.53 14.37
CA ARG A 200 -1.42 0.29 14.49
C ARG A 200 -0.39 0.05 13.41
N ARG A 201 -0.33 -1.16 12.88
CA ARG A 201 0.55 -1.44 11.74
C ARG A 201 -0.13 -2.34 10.76
N PHE A 202 0.04 -2.03 9.48
CA PHE A 202 -0.58 -2.74 8.40
C PHE A 202 0.42 -2.88 7.24
N GLU A 203 0.63 -4.10 6.79
CA GLU A 203 1.53 -4.35 5.68
C GLU A 203 0.88 -5.17 4.56
N ALA A 205 1.98 -7.19 0.85
CA ALA A 205 2.95 -7.69 -0.13
C ALA A 205 2.19 -8.12 -1.36
N TYR A 206 2.56 -7.59 -2.52
CA TYR A 206 1.77 -7.82 -3.74
C TYR A 206 2.57 -8.80 -4.54
N VAL A 207 2.04 -10.01 -4.66
CA VAL A 207 2.79 -11.12 -5.21
C VAL A 207 2.47 -11.40 -6.69
N ALA A 208 1.20 -11.33 -7.05
CA ALA A 208 0.73 -11.72 -8.36
C ALA A 208 -0.63 -11.10 -8.57
N GLU A 209 -1.13 -11.19 -9.80
CA GLU A 209 -2.35 -10.52 -10.22
C GLU A 209 -3.53 -11.44 -10.19
N SER A 210 -4.69 -10.86 -9.91
CA SER A 210 -5.99 -11.53 -10.02
C SER A 210 -6.84 -10.77 -11.02
N TYR A 211 -7.74 -11.51 -11.66
CA TYR A 211 -8.57 -10.99 -12.73
C TYR A 211 -10.07 -11.15 -12.37
N PHE A 212 -10.90 -10.51 -13.18
CA PHE A 212 -12.35 -10.61 -12.99
C PHE A 212 -12.78 -12.06 -13.04
N GLY A 213 -13.64 -12.45 -12.11
CA GLY A 213 -14.11 -13.82 -12.05
C GLY A 213 -13.25 -14.81 -11.26
N ASP A 214 -12.00 -14.44 -10.91
CA ASP A 214 -11.16 -15.32 -10.10
C ASP A 214 -11.75 -15.48 -8.69
N GLU A 215 -11.64 -16.68 -8.12
CA GLU A 215 -12.04 -16.94 -6.75
C GLU A 215 -10.85 -16.69 -5.85
N LEU A 216 -10.99 -15.70 -4.99
CA LEU A 216 -9.96 -15.41 -4.03
C LEU A 216 -10.31 -16.13 -2.72
N SER A 217 -9.36 -16.87 -2.19
CA SER A 217 -9.48 -17.51 -0.88
C SER A 217 -8.48 -16.83 0.10
N PHE A 218 -8.90 -16.75 1.35
CA PHE A 218 -8.19 -16.01 2.37
C PHE A 218 -7.79 -16.95 3.47
N PHE A 219 -6.51 -16.92 3.82
CA PHE A 219 -5.95 -17.75 4.88
C PHE A 219 -5.36 -16.84 5.92
N CYS A 220 -5.46 -17.25 7.18
CA CYS A 220 -5.05 -16.41 8.27
C CYS A 220 -4.40 -17.18 9.42
N ASP A 221 -3.23 -16.69 9.87
CA ASP A 221 -2.57 -17.15 11.11
C ASP A 221 -2.69 -16.03 12.14
N GLU A 222 -3.22 -16.31 13.33
CA GLU A 222 -3.18 -15.32 14.39
C GLU A 222 -1.96 -15.62 15.22
N VAL A 223 -0.91 -14.83 15.08
CA VAL A 223 0.37 -15.16 15.69
C VAL A 223 0.42 -14.77 17.18
N SER A 224 -0.35 -13.75 17.55
CA SER A 224 -0.58 -13.38 18.93
C SER A 224 -1.98 -12.81 18.98
N GLU A 225 -2.43 -12.39 20.15
CA GLU A 225 -3.77 -11.81 20.28
C GLU A 225 -4.00 -10.66 19.31
N ASN A 226 -2.94 -9.94 18.97
CA ASN A 226 -3.09 -8.70 18.20
C ASN A 226 -2.46 -8.71 16.82
N GLU A 227 -1.76 -9.79 16.48
CA GLU A 227 -1.05 -9.87 15.21
C GLU A 227 -1.59 -11.00 14.32
N PHE A 228 -1.95 -10.64 13.10
CA PHE A 228 -2.52 -11.56 12.15
C PHE A 228 -1.73 -11.54 10.86
N HIS A 229 -1.47 -12.72 10.32
CA HIS A 229 -0.84 -12.80 9.00
C HIS A 229 -1.84 -13.44 8.06
N VAL A 230 -2.01 -12.82 6.90
CA VAL A 230 -3.03 -13.17 5.95
C VAL A 230 -2.37 -13.45 4.60
N GLU A 231 -2.85 -14.49 3.94
CA GLU A 231 -2.46 -14.82 2.60
C GLU A 231 -3.73 -14.92 1.77
N VAL A 232 -3.73 -14.28 0.60
CA VAL A 232 -4.80 -14.38 -0.38
C VAL A 232 -4.29 -15.22 -1.55
N LYS A 233 -5.07 -16.23 -1.94
CA LYS A 233 -4.74 -17.08 -3.09
C LYS A 233 -5.84 -17.01 -4.14
N LYS A 234 -5.47 -17.14 -5.41
CA LYS A 234 -6.46 -17.24 -6.47
C LYS A 234 -6.57 -18.67 -6.98
N ASN A 235 -7.82 -19.01 -7.32
CA ASN A 235 -8.19 -20.28 -7.85
C ASN A 235 -7.49 -21.44 -7.13
N GLY A 236 -7.50 -21.36 -5.81
CA GLY A 236 -7.01 -22.44 -4.97
C GLY A 236 -5.59 -22.32 -4.50
N SER A 237 -4.66 -22.11 -5.43
CA SER A 237 -3.26 -22.45 -5.19
C SER A 237 -2.24 -21.31 -5.27
N GLU A 238 -2.53 -20.29 -6.06
CA GLU A 238 -1.53 -19.29 -6.37
C GLU A 238 -1.64 -18.11 -5.47
N VAL A 239 -0.58 -17.78 -4.72
CA VAL A 239 -0.62 -16.62 -3.85
C VAL A 239 -0.62 -15.33 -4.66
N VAL A 240 -1.59 -14.46 -4.38
CA VAL A 240 -1.61 -13.14 -5.01
C VAL A 240 -1.15 -12.00 -4.09
N CYS A 241 -1.44 -12.11 -2.79
CA CYS A 241 -0.85 -11.16 -1.85
C CYS A 241 -0.79 -11.73 -0.47
N ARG A 242 0.00 -11.08 0.38
CA ARG A 242 0.10 -11.38 1.80
C ARG A 242 0.00 -10.05 2.53
N SER A 243 -0.40 -10.16 3.80
CA SER A 243 -0.64 -9.01 4.64
C SER A 243 -0.33 -9.33 6.08
N LYS A 244 0.07 -8.29 6.80
CA LYS A 244 0.24 -8.35 8.22
C LYS A 244 -0.56 -7.19 8.84
N VAL A 245 -1.33 -7.51 9.86
CA VAL A 245 -2.23 -6.57 10.54
C VAL A 245 -1.92 -6.67 12.01
N ILE A 246 -1.49 -5.56 12.59
CA ILE A 246 -1.26 -5.49 14.03
C ILE A 246 -2.25 -4.49 14.66
N PHE A 247 -3.07 -5.00 15.56
CA PHE A 247 -4.01 -4.19 16.31
C PHE A 247 -3.41 -3.79 17.64
N GLU A 248 -3.92 -2.69 18.20
CA GLU A 248 -3.75 -2.41 19.64
C GLU A 248 -4.95 -1.69 20.28
#